data_9KH5
#
_entry.id   9KH5
#
_cell.length_a   1.00
_cell.length_b   1.00
_cell.length_c   1.00
_cell.angle_alpha   90.00
_cell.angle_beta   90.00
_cell.angle_gamma   90.00
#
_symmetry.space_group_name_H-M   'P 1'
#
_entity_poly.entity_id   1
_entity_poly.type   'polypeptide(L)'
_entity_poly.pdbx_seq_one_letter_code
;DYKDDDDKSGPDEVDASGRVDSTEYEVASQPEVETSPLGDGASPGPEQVKLKKEISLLNGVCLIVGNMIGSGIFVSPKGV
LIYSASFGLSLVIWAVGGLFSVFGALCYAELGTTIKKSGASYAYILEAFGGFLAFIRLWTSLLIIEPTSQAIIAITFANY
MVQPLFPSCFAPYAASRLLAAACICLLTFINCAYVKWGTLVQDIFTYAKVLALIAVIVAGIVRLGQGASTHFENSFEGSS
FAVGDIALALYSALFSYSGWDTLNYVTEEIKNPERNLPLSIGISMPIVTIIYILTNVAYYTVLDMRDILASDAVAVTFAD
QIFGIFNWIIPLSVALSCFGGLNASIVAASRLFFVGSREGHLPDAICMIHVERFTPVPSLLFNGIMALIYLCVEDIFQLI
NYYSFSYWFFVGLSIVGQLYLRWKEPDRPRPLKLSVFFPIVFCLCTIFLVAVPLYSDTINSLIGIAIALSGLPFYFLIIR
VPEHKRPLYLRRIVGSATRYLQVLCMSVAAEMDLEDGGEMPKQRDPKSN
;
_entity_poly.pdbx_strand_id   A
#
# COMPACT_ATOMS: atom_id res chain seq x y z
N SER A 56 15.39 22.90 -7.49
CA SER A 56 14.50 22.71 -8.63
C SER A 56 14.22 21.23 -8.84
N LEU A 57 14.04 20.84 -10.10
CA LEU A 57 13.70 19.45 -10.40
C LEU A 57 14.76 18.50 -9.87
N LEU A 58 16.02 18.94 -9.81
CA LEU A 58 17.04 18.11 -9.20
C LEU A 58 16.70 17.80 -7.76
N ASN A 59 16.00 18.72 -7.09
CA ASN A 59 15.58 18.50 -5.72
C ASN A 59 14.20 17.85 -5.64
N GLY A 60 13.54 17.65 -6.76
CA GLY A 60 12.20 17.09 -6.73
C GLY A 60 12.18 15.59 -6.88
N VAL A 61 13.19 15.05 -7.57
CA VAL A 61 13.21 13.62 -7.85
C VAL A 61 13.25 12.82 -6.55
N CYS A 62 14.10 13.24 -5.61
CA CYS A 62 14.10 12.61 -4.30
C CYS A 62 12.74 12.77 -3.65
N LEU A 63 12.13 13.94 -3.80
CA LEU A 63 10.76 14.12 -3.37
C LEU A 63 9.88 13.00 -3.89
N ILE A 64 10.01 12.67 -5.18
CA ILE A 64 9.33 11.50 -5.72
C ILE A 64 9.72 10.27 -4.92
N VAL A 65 11.03 9.99 -4.85
CA VAL A 65 11.50 8.86 -4.06
C VAL A 65 11.04 9.00 -2.62
N GLY A 66 10.67 10.21 -2.21
CA GLY A 66 10.16 10.40 -0.87
C GLY A 66 8.83 9.70 -0.68
N ASN A 67 8.20 9.27 -1.77
CA ASN A 67 6.90 8.61 -1.68
C ASN A 67 6.77 7.43 -2.63
N MET A 68 7.85 6.68 -2.83
CA MET A 68 7.81 5.56 -3.77
C MET A 68 7.76 4.19 -3.09
N ILE A 69 8.33 4.09 -1.89
CA ILE A 69 8.35 2.80 -1.19
C ILE A 69 8.06 2.97 0.30
N GLY A 70 7.70 1.88 0.97
CA GLY A 70 7.43 1.95 2.39
C GLY A 70 8.20 0.89 3.16
N SER A 71 7.49 0.04 3.88
CA SER A 71 8.13 -1.02 4.64
C SER A 71 8.03 -2.36 3.93
N GLY A 72 7.26 -2.40 2.83
CA GLY A 72 7.06 -3.64 2.11
C GLY A 72 8.33 -4.35 1.70
N ILE A 73 9.43 -3.60 1.54
CA ILE A 73 10.69 -4.22 1.17
C ILE A 73 11.27 -5.05 2.29
N PHE A 74 10.70 -5.01 3.48
CA PHE A 74 11.15 -5.85 4.57
C PHE A 74 10.35 -7.14 4.68
N VAL A 75 9.34 -7.30 3.84
CA VAL A 75 8.46 -8.47 3.87
C VAL A 75 8.37 -9.12 2.51
N SER A 76 8.05 -8.33 1.49
CA SER A 76 7.96 -8.82 0.13
C SER A 76 9.17 -9.63 -0.34
N PRO A 77 10.40 -9.41 0.19
CA PRO A 77 11.51 -10.29 -0.20
C PRO A 77 11.14 -11.76 -0.23
N LYS A 78 10.71 -12.29 0.91
CA LYS A 78 10.43 -13.72 0.98
C LYS A 78 9.13 -14.09 0.29
N GLY A 79 8.38 -13.11 -0.20
CA GLY A 79 7.08 -13.39 -0.77
C GLY A 79 7.14 -14.03 -2.13
N VAL A 80 7.99 -13.51 -3.01
CA VAL A 80 8.04 -14.03 -4.38
C VAL A 80 8.67 -15.42 -4.42
N LEU A 81 9.59 -15.69 -3.50
CA LEU A 81 10.25 -17.00 -3.50
C LEU A 81 9.23 -18.12 -3.32
N ILE A 82 8.30 -17.96 -2.38
CA ILE A 82 7.27 -18.95 -2.16
C ILE A 82 6.51 -19.29 -3.43
N TYR A 83 6.58 -18.44 -4.44
CA TYR A 83 5.87 -18.68 -5.68
C TYR A 83 6.81 -18.84 -6.87
N SER A 84 8.09 -18.70 -6.67
CA SER A 84 9.00 -18.93 -7.77
C SER A 84 9.99 -20.05 -7.51
N ALA A 85 10.69 -20.00 -6.38
CA ALA A 85 11.79 -20.87 -6.00
C ALA A 85 12.98 -20.72 -6.92
N SER A 86 12.85 -19.96 -7.99
CA SER A 86 13.94 -19.69 -8.91
C SER A 86 14.42 -18.28 -8.65
N PHE A 87 15.61 -18.16 -8.05
CA PHE A 87 16.15 -16.84 -7.78
C PHE A 87 16.13 -15.99 -9.03
N GLY A 88 16.51 -16.59 -10.16
CA GLY A 88 16.43 -15.87 -11.42
C GLY A 88 15.03 -15.39 -11.71
N LEU A 89 14.04 -16.28 -11.56
CA LEU A 89 12.67 -15.86 -11.78
C LEU A 89 12.28 -14.76 -10.80
N SER A 90 12.78 -14.84 -9.57
CA SER A 90 12.47 -13.80 -8.60
C SER A 90 12.97 -12.44 -9.07
N LEU A 91 14.24 -12.37 -9.46
CA LEU A 91 14.78 -11.10 -9.93
C LEU A 91 14.03 -10.63 -11.17
N VAL A 92 13.63 -11.55 -12.03
CA VAL A 92 12.83 -11.19 -13.18
C VAL A 92 11.52 -10.54 -12.74
N ILE A 93 10.88 -11.10 -11.72
CA ILE A 93 9.64 -10.52 -11.22
C ILE A 93 9.88 -9.11 -10.70
N TRP A 94 10.99 -8.91 -10.01
CA TRP A 94 11.28 -7.57 -9.50
C TRP A 94 11.41 -6.57 -10.63
N ALA A 95 12.21 -6.89 -11.65
CA ALA A 95 12.39 -5.94 -12.75
C ALA A 95 11.08 -5.70 -13.48
N VAL A 96 10.29 -6.76 -13.66
CA VAL A 96 8.99 -6.60 -14.31
C VAL A 96 8.14 -5.62 -13.54
N GLY A 97 8.09 -5.76 -12.21
CA GLY A 97 7.37 -4.81 -11.41
C GLY A 97 7.88 -3.40 -11.60
N GLY A 98 9.20 -3.25 -11.71
CA GLY A 98 9.76 -1.93 -11.95
C GLY A 98 9.16 -1.26 -13.17
N LEU A 99 9.24 -1.94 -14.32
CA LEU A 99 8.72 -1.32 -15.54
C LEU A 99 7.21 -1.12 -15.44
N PHE A 100 6.52 -2.07 -14.81
CA PHE A 100 5.08 -1.98 -14.66
C PHE A 100 4.69 -0.69 -13.94
N SER A 101 5.34 -0.45 -12.81
CA SER A 101 5.11 0.76 -12.05
C SER A 101 5.46 1.98 -12.88
N VAL A 102 6.51 1.89 -13.70
CA VAL A 102 6.82 3.03 -14.56
C VAL A 102 5.60 3.41 -15.37
N PHE A 103 5.06 2.45 -16.11
CA PHE A 103 3.84 2.67 -16.88
C PHE A 103 2.76 3.32 -16.03
N GLY A 104 2.45 2.70 -14.89
CA GLY A 104 1.34 3.17 -14.10
C GLY A 104 1.53 4.59 -13.60
N ALA A 105 2.72 4.90 -13.11
CA ALA A 105 2.98 6.23 -12.62
C ALA A 105 2.85 7.26 -13.73
N LEU A 106 3.28 6.90 -14.95
CA LEU A 106 3.02 7.79 -16.08
C LEU A 106 1.53 8.08 -16.21
N CYS A 107 0.72 7.03 -16.22
CA CYS A 107 -0.70 7.24 -16.46
C CYS A 107 -1.33 8.11 -15.38
N TYR A 108 -1.05 7.80 -14.11
CA TYR A 108 -1.61 8.62 -13.04
C TYR A 108 -1.08 10.04 -13.06
N ALA A 109 0.18 10.23 -13.43
CA ALA A 109 0.69 11.60 -13.48
C ALA A 109 -0.05 12.40 -14.54
N GLU A 110 -0.32 11.77 -15.68
CA GLU A 110 -1.14 12.42 -16.70
C GLU A 110 -2.50 12.80 -16.14
N LEU A 111 -3.17 11.84 -15.51
CA LEU A 111 -4.53 12.11 -15.04
C LEU A 111 -4.56 13.23 -14.01
N GLY A 112 -3.75 13.09 -12.96
CA GLY A 112 -3.78 14.02 -11.85
C GLY A 112 -3.61 15.47 -12.25
N THR A 113 -3.10 15.69 -13.45
CA THR A 113 -2.96 17.06 -13.95
C THR A 113 -4.00 17.32 -15.04
N THR A 114 -4.27 16.33 -15.88
CA THR A 114 -5.27 16.48 -16.93
C THR A 114 -6.66 16.38 -16.33
N ILE A 115 -7.00 15.21 -15.79
CA ILE A 115 -8.29 15.06 -15.14
C ILE A 115 -8.27 15.96 -13.91
N LYS A 116 -7.11 16.06 -13.26
CA LYS A 116 -6.98 16.95 -12.10
C LYS A 116 -8.12 16.81 -11.11
N LYS A 117 -8.42 15.58 -10.70
CA LYS A 117 -9.48 15.38 -9.71
C LYS A 117 -8.87 15.21 -8.32
N SER A 118 -9.51 15.78 -7.32
CA SER A 118 -8.98 15.72 -5.97
C SER A 118 -8.78 14.28 -5.51
N GLY A 119 -9.77 13.44 -5.77
CA GLY A 119 -9.67 12.05 -5.36
C GLY A 119 -8.97 11.19 -6.38
N ALA A 120 -7.68 10.92 -6.15
CA ALA A 120 -6.94 10.07 -7.04
C ALA A 120 -7.52 8.67 -7.00
N SER A 121 -7.79 8.08 -8.16
CA SER A 121 -8.38 6.74 -8.23
C SER A 121 -9.82 6.75 -7.75
N TYR A 122 -10.26 7.86 -7.15
CA TYR A 122 -11.64 7.98 -6.70
C TYR A 122 -12.37 9.01 -7.55
N ALA A 123 -12.17 10.29 -7.25
CA ALA A 123 -12.79 11.31 -8.07
C ALA A 123 -12.55 11.03 -9.54
N TYR A 124 -11.47 10.30 -9.85
CA TYR A 124 -11.21 9.94 -11.23
C TYR A 124 -12.34 9.11 -11.79
N ILE A 125 -12.60 7.96 -11.17
CA ILE A 125 -13.73 7.13 -11.55
C ILE A 125 -15.01 7.96 -11.55
N LEU A 126 -15.16 8.82 -10.54
CA LEU A 126 -16.37 9.60 -10.41
C LEU A 126 -16.63 10.43 -11.66
N GLU A 127 -15.73 11.36 -11.95
CA GLU A 127 -15.83 12.15 -13.18
C GLU A 127 -16.00 11.26 -14.39
N ALA A 128 -15.35 10.10 -14.38
CA ALA A 128 -15.46 9.18 -15.50
C ALA A 128 -16.90 8.74 -15.71
N PHE A 129 -17.58 8.36 -14.66
CA PHE A 129 -18.92 7.81 -14.85
C PHE A 129 -19.97 8.42 -13.96
N GLY A 130 -19.59 8.91 -12.78
CA GLY A 130 -20.57 9.52 -11.88
C GLY A 130 -21.61 8.55 -11.41
N GLY A 131 -21.26 7.27 -11.28
CA GLY A 131 -22.22 6.29 -10.88
C GLY A 131 -21.87 5.61 -9.58
N PHE A 132 -22.67 4.61 -9.22
CA PHE A 132 -22.37 3.82 -8.02
C PHE A 132 -20.98 3.22 -8.07
N LEU A 133 -20.39 3.11 -9.26
CA LEU A 133 -19.03 2.60 -9.37
C LEU A 133 -18.12 3.28 -8.36
N ALA A 134 -18.12 4.61 -8.36
CA ALA A 134 -17.29 5.34 -7.41
C ALA A 134 -17.62 4.93 -5.99
N PHE A 135 -18.91 4.73 -5.69
CA PHE A 135 -19.31 4.35 -4.34
C PHE A 135 -18.72 3.00 -3.98
N ILE A 136 -18.79 2.05 -4.89
CA ILE A 136 -18.24 0.73 -4.63
C ILE A 136 -16.75 0.83 -4.43
N ARG A 137 -16.11 1.72 -5.18
CA ARG A 137 -14.69 1.95 -4.98
C ARG A 137 -14.43 2.39 -3.56
N LEU A 138 -15.14 3.41 -3.12
CA LEU A 138 -15.08 3.86 -1.73
C LEU A 138 -15.25 2.68 -0.79
N TRP A 139 -16.27 1.87 -1.05
CA TRP A 139 -16.61 0.78 -0.15
C TRP A 139 -15.46 -0.19 -0.02
N THR A 140 -15.15 -0.87 -1.11
CA THR A 140 -14.11 -1.89 -1.08
C THR A 140 -12.79 -1.31 -0.61
N SER A 141 -12.55 -0.03 -0.84
CA SER A 141 -11.41 0.60 -0.22
C SER A 141 -11.52 0.53 1.28
N LEU A 142 -12.67 0.95 1.81
CA LEU A 142 -12.81 1.12 3.25
C LEU A 142 -12.81 -0.21 3.98
N LEU A 143 -13.60 -1.16 3.53
CA LEU A 143 -13.74 -2.39 4.27
C LEU A 143 -12.54 -3.32 4.11
N ILE A 144 -11.72 -3.10 3.08
CA ILE A 144 -10.69 -4.08 2.78
C ILE A 144 -9.31 -3.46 2.77
N ILE A 145 -9.11 -2.53 1.85
CA ILE A 145 -7.77 -2.19 1.37
C ILE A 145 -6.87 -1.68 2.47
N GLU A 146 -7.19 -0.53 3.03
CA GLU A 146 -6.26 -0.04 4.03
C GLU A 146 -6.35 -0.82 5.34
N PRO A 147 -7.50 -1.37 5.74
CA PRO A 147 -7.46 -2.22 6.95
C PRO A 147 -6.44 -3.32 6.80
N THR A 148 -6.49 -4.06 5.71
CA THR A 148 -5.53 -5.15 5.57
C THR A 148 -4.12 -4.61 5.41
N SER A 149 -3.95 -3.48 4.75
CA SER A 149 -2.60 -2.93 4.60
C SER A 149 -1.98 -2.63 5.96
N GLN A 150 -2.70 -1.88 6.78
CA GLN A 150 -2.16 -1.50 8.08
C GLN A 150 -1.97 -2.72 8.96
N ALA A 151 -2.93 -3.65 8.93
CA ALA A 151 -2.73 -4.90 9.67
C ALA A 151 -1.44 -5.56 9.26
N ILE A 152 -1.17 -5.60 7.95
CA ILE A 152 0.04 -6.22 7.46
C ILE A 152 1.26 -5.56 8.09
N ILE A 153 1.37 -4.24 7.91
CA ILE A 153 2.54 -3.55 8.42
C ILE A 153 2.73 -3.81 9.91
N ALA A 154 1.66 -3.72 10.68
CA ALA A 154 1.78 -3.92 12.11
C ALA A 154 2.29 -5.32 12.42
N ILE A 155 1.82 -6.30 11.66
CA ILE A 155 2.31 -7.66 11.87
C ILE A 155 3.80 -7.71 11.62
N THR A 156 4.26 -7.10 10.53
CA THR A 156 5.69 -7.09 10.24
C THR A 156 6.45 -6.50 11.41
N PHE A 157 5.93 -5.43 11.97
CA PHE A 157 6.63 -4.75 13.06
C PHE A 157 6.73 -5.66 14.27
N ALA A 158 5.61 -6.25 14.66
CA ALA A 158 5.63 -7.19 15.76
C ALA A 158 6.66 -8.28 15.51
N ASN A 159 6.74 -8.75 14.28
CA ASN A 159 7.65 -9.84 13.98
C ASN A 159 9.09 -9.40 14.11
N TYR A 160 9.41 -8.22 13.58
CA TYR A 160 10.78 -7.75 13.70
C TYR A 160 11.16 -7.50 15.14
N MET A 161 10.19 -7.18 15.97
CA MET A 161 10.50 -7.04 17.38
C MET A 161 10.71 -8.39 18.04
N VAL A 162 9.96 -9.39 17.62
CA VAL A 162 10.03 -10.69 18.27
C VAL A 162 11.31 -11.42 17.88
N GLN A 163 11.56 -11.50 16.59
CA GLN A 163 12.51 -12.44 16.00
C GLN A 163 13.90 -12.47 16.61
N PRO A 164 14.48 -11.35 17.06
CA PRO A 164 15.81 -11.40 17.64
C PRO A 164 16.00 -12.48 18.68
N LEU A 165 15.03 -12.65 19.58
CA LEU A 165 15.05 -13.81 20.45
C LEU A 165 14.29 -14.93 19.76
N PHE A 166 14.51 -16.16 20.22
CA PHE A 166 14.10 -17.36 19.51
C PHE A 166 14.85 -17.45 18.19
N PRO A 167 16.16 -17.49 18.21
CA PRO A 167 16.91 -17.57 16.96
C PRO A 167 16.81 -18.97 16.40
N SER A 168 16.51 -19.10 15.11
CA SER A 168 16.44 -20.38 14.43
C SER A 168 15.25 -21.20 14.90
N CYS A 169 14.50 -20.66 15.84
CA CYS A 169 13.35 -21.37 16.37
C CYS A 169 12.13 -20.47 16.27
N PHE A 170 11.04 -20.99 15.74
CA PHE A 170 9.86 -20.16 15.58
C PHE A 170 9.36 -19.66 16.92
N ALA A 171 8.61 -18.55 16.87
CA ALA A 171 8.11 -17.87 18.05
C ALA A 171 6.60 -18.04 18.16
N PRO A 172 6.02 -17.85 19.34
CA PRO A 172 4.58 -18.11 19.51
C PRO A 172 3.71 -17.13 18.73
N TYR A 173 2.76 -17.70 18.00
CA TYR A 173 1.69 -16.96 17.32
C TYR A 173 1.15 -15.82 18.19
N ALA A 174 0.63 -16.19 19.36
CA ALA A 174 -0.08 -15.24 20.21
C ALA A 174 0.76 -14.03 20.53
N ALA A 175 2.05 -14.23 20.77
CA ALA A 175 2.89 -13.11 21.18
C ALA A 175 2.94 -12.04 20.10
N SER A 176 3.27 -12.44 18.88
CA SER A 176 3.37 -11.45 17.81
C SER A 176 2.03 -10.80 17.56
N ARG A 177 0.95 -11.58 17.56
CA ARG A 177 -0.37 -10.98 17.44
C ARG A 177 -0.55 -9.87 18.47
N LEU A 178 -0.36 -10.19 19.74
CA LEU A 178 -0.67 -9.25 20.79
C LEU A 178 0.20 -8.00 20.68
N LEU A 179 1.47 -8.17 20.33
CA LEU A 179 2.31 -6.99 20.23
C LEU A 179 1.86 -6.09 19.10
N ALA A 180 1.50 -6.68 17.96
CA ALA A 180 0.98 -5.85 16.88
C ALA A 180 -0.24 -5.08 17.35
N ALA A 181 -1.13 -5.74 18.10
CA ALA A 181 -2.33 -5.06 18.55
C ALA A 181 -1.99 -3.88 19.46
N ALA A 182 -1.05 -4.09 20.38
CA ALA A 182 -0.66 -3.00 21.26
C ALA A 182 -0.13 -1.83 20.46
N CYS A 183 0.75 -2.11 19.50
CA CYS A 183 1.31 -1.06 18.66
C CYS A 183 0.22 -0.25 18.00
N ILE A 184 -0.65 -0.90 17.23
CA ILE A 184 -1.66 -0.18 16.47
C ILE A 184 -2.57 0.61 17.39
N CYS A 185 -3.04 -0.03 18.47
CA CYS A 185 -4.03 0.61 19.31
C CYS A 185 -3.44 1.84 19.98
N LEU A 186 -2.17 1.79 20.35
CA LEU A 186 -1.56 3.01 20.85
C LEU A 186 -1.45 4.05 19.75
N LEU A 187 -1.02 3.63 18.56
CA LEU A 187 -0.68 4.61 17.54
C LEU A 187 -1.88 5.46 17.18
N THR A 188 -3.05 4.84 17.09
CA THR A 188 -4.23 5.64 16.75
C THR A 188 -4.44 6.74 17.78
N PHE A 189 -4.71 6.34 19.03
CA PHE A 189 -4.98 7.32 20.07
C PHE A 189 -3.91 8.38 20.12
N ILE A 190 -2.67 8.03 19.81
CA ILE A 190 -1.65 9.06 19.65
C ILE A 190 -2.07 10.03 18.55
N ASN A 191 -2.35 9.50 17.37
CA ASN A 191 -2.69 10.41 16.28
C ASN A 191 -4.02 11.11 16.49
N CYS A 192 -4.71 10.78 17.58
CA CYS A 192 -5.95 11.48 17.89
C CYS A 192 -5.57 12.87 18.37
N ALA A 193 -4.31 13.04 18.75
CA ALA A 193 -3.83 14.34 19.21
C ALA A 193 -3.20 15.10 18.07
N TYR A 194 -2.51 16.19 18.39
CA TYR A 194 -1.85 16.99 17.37
C TYR A 194 -0.84 16.14 16.63
N VAL A 195 -0.74 16.34 15.31
CA VAL A 195 0.18 15.55 14.50
C VAL A 195 1.58 16.12 14.53
N LYS A 196 1.76 17.30 15.12
CA LYS A 196 3.07 17.93 15.16
C LYS A 196 4.10 16.94 15.68
N TRP A 197 3.69 16.09 16.62
CA TRP A 197 4.59 15.06 17.11
C TRP A 197 4.91 14.12 15.98
N GLY A 198 3.87 13.54 15.38
CA GLY A 198 4.08 12.62 14.28
C GLY A 198 4.97 13.19 13.20
N THR A 199 4.79 14.48 12.90
CA THR A 199 5.60 15.11 11.88
C THR A 199 7.08 14.95 12.17
N LEU A 200 7.54 15.52 13.27
CA LEU A 200 8.97 15.49 13.57
C LEU A 200 9.49 14.07 13.71
N VAL A 201 8.71 13.19 14.36
CA VAL A 201 9.26 11.87 14.60
C VAL A 201 9.35 11.09 13.30
N GLN A 202 8.43 11.33 12.36
CA GLN A 202 8.53 10.64 11.09
C GLN A 202 9.64 11.23 10.24
N ASP A 203 9.91 12.52 10.42
CA ASP A 203 11.13 13.09 9.88
C ASP A 203 12.33 12.26 10.28
N ILE A 204 12.41 11.88 11.55
CA ILE A 204 13.57 11.06 11.93
C ILE A 204 13.41 9.61 11.47
N PHE A 205 12.17 9.12 11.36
CA PHE A 205 11.97 7.73 10.98
C PHE A 205 12.48 7.48 9.58
N THR A 206 12.31 8.46 8.69
CA THR A 206 12.86 8.31 7.35
C THR A 206 14.37 8.10 7.41
N TYR A 207 15.06 8.88 8.23
CA TYR A 207 16.50 8.70 8.40
C TYR A 207 16.80 7.30 8.90
N ALA A 208 15.99 6.81 9.84
CA ALA A 208 16.17 5.45 10.34
C ALA A 208 16.09 4.45 9.19
N LYS A 209 15.06 4.58 8.37
CA LYS A 209 14.86 3.67 7.24
C LYS A 209 16.09 3.68 6.34
N VAL A 210 16.53 4.86 5.94
CA VAL A 210 17.59 4.92 4.95
C VAL A 210 18.88 4.36 5.54
N LEU A 211 19.14 4.60 6.82
CA LEU A 211 20.34 4.06 7.43
C LEU A 211 20.30 2.55 7.45
N ALA A 212 19.16 1.99 7.81
CA ALA A 212 19.01 0.54 7.76
C ALA A 212 19.36 0.03 6.37
N LEU A 213 18.74 0.63 5.34
CA LEU A 213 18.95 0.17 3.97
C LEU A 213 20.42 0.22 3.60
N ILE A 214 21.08 1.32 3.90
CA ILE A 214 22.45 1.48 3.43
C ILE A 214 23.37 0.49 4.13
N ALA A 215 23.15 0.28 5.43
CA ALA A 215 23.94 -0.72 6.14
C ALA A 215 23.77 -2.09 5.48
N VAL A 216 22.52 -2.46 5.19
CA VAL A 216 22.26 -3.73 4.54
C VAL A 216 23.04 -3.84 3.25
N ILE A 217 22.92 -2.83 2.40
CA ILE A 217 23.52 -2.94 1.07
C ILE A 217 25.04 -2.99 1.16
N VAL A 218 25.63 -2.10 1.95
CA VAL A 218 27.08 -2.07 2.02
C VAL A 218 27.61 -3.39 2.55
N ALA A 219 26.95 -3.97 3.56
CA ALA A 219 27.42 -5.24 4.09
C ALA A 219 27.27 -6.34 3.04
N GLY A 220 26.07 -6.47 2.46
CA GLY A 220 25.83 -7.54 1.52
C GLY A 220 26.70 -7.44 0.28
N ILE A 221 27.22 -6.26 -0.01
CA ILE A 221 28.05 -6.12 -1.19
C ILE A 221 29.53 -6.33 -0.86
N VAL A 222 30.01 -5.71 0.23
CA VAL A 222 31.39 -5.94 0.62
C VAL A 222 31.63 -7.41 0.94
N ARG A 223 30.57 -8.13 1.30
CA ARG A 223 30.67 -9.58 1.43
C ARG A 223 31.31 -10.21 0.21
N LEU A 224 30.70 -9.99 -0.96
CA LEU A 224 31.25 -10.53 -2.19
C LEU A 224 32.51 -9.79 -2.61
N GLY A 225 32.64 -8.52 -2.22
CA GLY A 225 33.77 -7.74 -2.68
C GLY A 225 35.09 -8.21 -2.10
N GLN A 226 35.25 -8.09 -0.78
CA GLN A 226 36.55 -8.40 -0.20
C GLN A 226 36.82 -9.90 -0.15
N GLY A 227 35.86 -10.73 -0.55
CA GLY A 227 36.08 -12.16 -0.61
C GLY A 227 34.86 -12.84 -1.20
N ALA A 228 35.04 -14.11 -1.55
CA ALA A 228 33.96 -14.96 -2.07
C ALA A 228 33.23 -14.27 -3.22
N SER A 229 33.99 -13.59 -4.05
CA SER A 229 33.42 -12.91 -5.20
C SER A 229 32.84 -13.93 -6.18
N THR A 230 31.82 -13.51 -6.93
CA THR A 230 31.03 -14.41 -7.78
C THR A 230 30.65 -15.66 -6.99
N HIS A 231 30.07 -15.42 -5.81
CA HIS A 231 29.83 -16.50 -4.86
C HIS A 231 28.91 -17.56 -5.45
N PHE A 232 27.80 -17.15 -6.05
CA PHE A 232 26.77 -18.11 -6.39
C PHE A 232 26.60 -18.29 -7.89
N GLU A 233 26.28 -17.20 -8.61
CA GLU A 233 26.12 -17.18 -10.06
C GLU A 233 25.41 -18.44 -10.56
N ASN A 234 24.26 -18.73 -9.94
CA ASN A 234 23.51 -19.91 -10.31
C ASN A 234 22.08 -19.84 -9.83
N SER A 235 21.13 -19.66 -10.74
CA SER A 235 19.74 -19.69 -10.36
C SER A 235 19.13 -20.90 -11.03
N PHE A 236 18.55 -20.67 -12.20
CA PHE A 236 18.05 -21.79 -13.01
C PHE A 236 16.88 -22.60 -12.50
N GLU A 237 16.50 -22.43 -11.25
CA GLU A 237 15.32 -23.15 -10.79
C GLU A 237 14.15 -22.76 -11.67
N GLY A 238 13.10 -23.55 -11.66
CA GLY A 238 11.97 -23.27 -12.52
C GLY A 238 10.68 -22.84 -11.89
N SER A 239 9.67 -23.71 -11.89
CA SER A 239 8.35 -23.38 -11.34
C SER A 239 7.63 -22.38 -12.21
N SER A 240 8.03 -22.29 -13.47
CA SER A 240 7.44 -21.33 -14.38
C SER A 240 6.46 -22.00 -15.33
N PHE A 241 5.17 -21.74 -15.16
CA PHE A 241 4.16 -22.35 -16.00
C PHE A 241 3.40 -21.30 -16.78
N ALA A 242 3.89 -20.06 -16.77
CA ALA A 242 3.22 -18.96 -17.47
C ALA A 242 1.85 -18.73 -16.85
N VAL A 243 1.58 -19.40 -15.74
CA VAL A 243 0.30 -19.25 -15.06
C VAL A 243 0.43 -19.81 -13.65
N GLY A 244 -0.38 -19.30 -12.74
CA GLY A 244 -0.34 -19.81 -11.38
C GLY A 244 0.45 -18.96 -10.42
N ASP A 245 1.37 -19.58 -9.69
CA ASP A 245 2.15 -18.85 -8.71
C ASP A 245 2.84 -17.61 -9.28
N ILE A 246 3.02 -17.59 -10.61
CA ILE A 246 3.55 -16.40 -11.27
C ILE A 246 2.74 -15.16 -10.88
N ALA A 247 1.42 -15.24 -10.98
CA ALA A 247 0.57 -14.10 -10.64
C ALA A 247 0.85 -13.63 -9.22
N LEU A 248 0.82 -14.55 -8.27
CA LEU A 248 0.96 -14.17 -6.88
C LEU A 248 2.35 -13.60 -6.61
N ALA A 249 3.36 -14.12 -7.29
CA ALA A 249 4.68 -13.53 -7.20
C ALA A 249 4.62 -12.08 -7.63
N LEU A 250 3.91 -11.80 -8.72
CA LEU A 250 3.78 -10.42 -9.15
C LEU A 250 3.07 -9.58 -8.10
N TYR A 251 2.05 -10.14 -7.46
CA TYR A 251 1.37 -9.44 -6.38
C TYR A 251 2.37 -8.98 -5.33
N SER A 252 3.05 -9.95 -4.74
CA SER A 252 3.95 -9.63 -3.64
C SER A 252 5.05 -8.70 -4.08
N ALA A 253 5.47 -8.81 -5.34
CA ALA A 253 6.53 -7.95 -5.86
C ALA A 253 6.02 -6.54 -6.06
N LEU A 254 4.95 -6.41 -6.85
CA LEU A 254 4.39 -5.08 -7.11
C LEU A 254 3.95 -4.44 -5.81
N PHE A 255 3.65 -5.26 -4.81
CA PHE A 255 3.22 -4.74 -3.52
C PHE A 255 4.28 -3.80 -2.96
N SER A 256 5.54 -4.19 -3.06
CA SER A 256 6.63 -3.33 -2.60
C SER A 256 6.66 -2.07 -3.43
N TYR A 257 6.44 -2.20 -4.74
CA TYR A 257 6.44 -1.04 -5.62
C TYR A 257 5.25 -0.14 -5.36
N SER A 258 4.17 -0.70 -4.81
CA SER A 258 2.96 0.08 -4.57
C SER A 258 3.25 1.34 -3.75
N GLY A 259 2.53 2.43 -4.05
CA GLY A 259 2.72 3.67 -3.33
C GLY A 259 2.95 4.84 -4.26
N TRP A 260 3.16 4.55 -5.54
CA TRP A 260 3.39 5.60 -6.52
C TRP A 260 2.09 6.05 -7.14
N ASP A 261 0.97 5.56 -6.64
CA ASP A 261 -0.29 5.86 -7.30
C ASP A 261 -0.72 7.31 -7.11
N THR A 262 -0.98 7.69 -5.87
CA THR A 262 -1.52 9.02 -5.61
C THR A 262 -0.50 9.98 -5.03
N LEU A 263 0.45 9.47 -4.25
CA LEU A 263 1.33 10.34 -3.51
C LEU A 263 2.22 11.20 -4.40
N ASN A 264 2.09 11.06 -5.72
CA ASN A 264 2.79 11.92 -6.66
C ASN A 264 1.90 13.05 -7.16
N TYR A 265 0.61 12.79 -7.32
CA TYR A 265 -0.34 13.84 -7.66
C TYR A 265 -0.25 14.99 -6.68
N VAL A 266 -0.05 14.66 -5.40
CA VAL A 266 0.10 15.70 -4.39
C VAL A 266 1.52 16.26 -4.41
N THR A 267 2.36 15.74 -5.30
CA THR A 267 3.75 16.18 -5.35
C THR A 267 4.12 16.80 -6.70
N GLU A 268 3.23 16.65 -7.69
CA GLU A 268 3.51 17.18 -9.02
C GLU A 268 3.60 18.70 -8.99
N GLU A 269 3.14 19.31 -7.91
CA GLU A 269 3.17 20.76 -7.79
C GLU A 269 4.45 21.22 -7.09
N ILE A 270 5.39 20.32 -6.89
CA ILE A 270 6.62 20.66 -6.18
C ILE A 270 7.46 21.68 -6.93
N LYS A 271 7.66 21.48 -8.23
CA LYS A 271 8.48 22.39 -9.02
C LYS A 271 7.77 22.71 -10.32
N ASN A 272 6.92 21.80 -10.77
CA ASN A 272 6.25 21.99 -12.05
C ASN A 272 7.27 22.38 -13.11
N PRO A 273 8.29 21.54 -13.33
CA PRO A 273 9.33 21.89 -14.29
C PRO A 273 8.91 21.58 -15.70
N GLU A 274 8.01 22.39 -16.26
CA GLU A 274 7.57 22.18 -17.63
C GLU A 274 7.18 20.73 -17.86
N ARG A 275 7.79 20.10 -18.85
CA ARG A 275 7.49 18.69 -19.13
C ARG A 275 8.57 17.79 -18.55
N ASN A 276 9.37 18.33 -17.64
CA ASN A 276 10.43 17.54 -17.02
C ASN A 276 9.86 16.61 -15.95
N LEU A 277 8.61 16.84 -15.57
CA LEU A 277 7.99 16.03 -14.53
C LEU A 277 7.98 14.55 -14.91
N PRO A 278 7.49 14.22 -16.12
CA PRO A 278 7.56 12.81 -16.53
C PRO A 278 9.00 12.37 -16.72
N LEU A 279 9.84 13.26 -17.25
CA LEU A 279 11.25 12.94 -17.41
C LEU A 279 11.81 12.57 -16.06
N SER A 280 11.52 13.39 -15.06
CA SER A 280 11.99 13.09 -13.71
C SER A 280 11.37 11.81 -13.24
N ILE A 281 10.09 11.62 -13.54
CA ILE A 281 9.40 10.38 -13.16
C ILE A 281 10.13 9.19 -13.76
N GLY A 282 10.73 9.39 -14.93
CA GLY A 282 11.49 8.32 -15.55
C GLY A 282 12.92 8.26 -15.08
N ILE A 283 13.46 9.39 -14.63
CA ILE A 283 14.72 9.31 -13.93
C ILE A 283 14.52 8.71 -12.56
N SER A 284 13.32 8.90 -11.98
CA SER A 284 13.09 8.43 -10.62
C SER A 284 12.96 6.91 -10.56
N MET A 285 11.95 6.37 -11.23
CA MET A 285 11.53 5.00 -10.91
C MET A 285 12.58 3.93 -11.16
N PRO A 286 13.33 3.95 -12.26
CA PRO A 286 14.43 3.00 -12.41
C PRO A 286 15.33 2.92 -11.19
N ILE A 287 15.62 4.06 -10.55
CA ILE A 287 16.44 4.03 -9.34
C ILE A 287 15.79 3.14 -8.28
N VAL A 288 14.47 3.27 -8.13
CA VAL A 288 13.75 2.46 -7.17
C VAL A 288 13.93 0.98 -7.50
N THR A 289 13.65 0.61 -8.75
CA THR A 289 13.76 -0.79 -9.14
C THR A 289 15.15 -1.32 -8.85
N ILE A 290 16.16 -0.55 -9.21
CA ILE A 290 17.54 -1.00 -9.04
C ILE A 290 17.86 -1.19 -7.57
N ILE A 291 17.41 -0.28 -6.73
CA ILE A 291 17.75 -0.42 -5.32
C ILE A 291 17.08 -1.65 -4.74
N TYR A 292 15.81 -1.89 -5.10
CA TYR A 292 15.17 -3.14 -4.70
C TYR A 292 16.01 -4.35 -5.10
N ILE A 293 16.31 -4.46 -6.39
CA ILE A 293 17.01 -5.64 -6.88
C ILE A 293 18.36 -5.78 -6.17
N LEU A 294 19.00 -4.66 -5.88
CA LEU A 294 20.26 -4.69 -5.16
C LEU A 294 20.09 -5.33 -3.79
N THR A 295 19.06 -4.91 -3.06
CA THR A 295 18.77 -5.54 -1.79
C THR A 295 18.56 -7.04 -1.95
N ASN A 296 17.77 -7.42 -2.94
CA ASN A 296 17.45 -8.83 -3.12
C ASN A 296 18.72 -9.65 -3.32
N VAL A 297 19.60 -9.17 -4.19
CA VAL A 297 20.80 -9.95 -4.45
C VAL A 297 21.70 -9.96 -3.24
N ALA A 298 21.68 -8.90 -2.42
CA ALA A 298 22.41 -8.98 -1.16
C ALA A 298 21.89 -10.14 -0.33
N TYR A 299 20.57 -10.18 -0.12
CA TYR A 299 19.93 -11.30 0.58
C TYR A 299 20.45 -12.62 0.05
N TYR A 300 20.34 -12.82 -1.27
CA TYR A 300 20.71 -14.11 -1.84
C TYR A 300 22.16 -14.43 -1.59
N THR A 301 23.06 -13.56 -2.01
CA THR A 301 24.48 -13.86 -1.88
C THR A 301 24.95 -13.84 -0.44
N VAL A 302 24.07 -13.71 0.54
CA VAL A 302 24.44 -14.01 1.92
C VAL A 302 23.71 -15.23 2.46
N LEU A 303 22.39 -15.27 2.40
CA LEU A 303 21.64 -16.33 3.04
C LEU A 303 21.26 -17.41 2.02
N ASP A 304 20.95 -18.60 2.53
CA ASP A 304 20.55 -19.71 1.70
C ASP A 304 19.04 -19.89 1.73
N MET A 305 18.51 -20.55 0.70
CA MET A 305 17.08 -20.50 0.44
C MET A 305 16.28 -21.13 1.57
N ARG A 306 16.69 -22.31 2.03
CA ARG A 306 15.96 -22.97 3.10
C ARG A 306 15.81 -22.05 4.30
N ASP A 307 16.83 -21.26 4.61
CA ASP A 307 16.75 -20.35 5.74
C ASP A 307 15.63 -19.35 5.56
N ILE A 308 15.63 -18.67 4.41
CA ILE A 308 14.58 -17.71 4.10
C ILE A 308 13.22 -18.35 4.22
N LEU A 309 13.05 -19.53 3.62
CA LEU A 309 11.78 -20.23 3.71
C LEU A 309 11.41 -20.49 5.16
N ALA A 310 12.40 -20.71 6.01
CA ALA A 310 12.14 -20.91 7.43
C ALA A 310 12.04 -19.61 8.19
N SER A 311 12.95 -18.68 7.94
CA SER A 311 12.98 -17.42 8.68
C SER A 311 11.67 -16.65 8.48
N ASP A 312 11.44 -15.69 9.38
CA ASP A 312 10.27 -14.84 9.29
C ASP A 312 10.59 -13.35 9.30
N ALA A 313 11.73 -12.95 9.85
CA ALA A 313 12.24 -11.59 9.74
C ALA A 313 13.56 -11.70 8.98
N VAL A 314 13.47 -11.66 7.65
CA VAL A 314 14.61 -11.98 6.79
C VAL A 314 15.85 -11.20 7.21
N ALA A 315 15.66 -9.96 7.65
CA ALA A 315 16.81 -9.09 7.86
C ALA A 315 17.63 -9.52 9.07
N VAL A 316 16.96 -9.90 10.17
CA VAL A 316 17.77 -10.25 11.34
C VAL A 316 18.55 -11.52 11.10
N THR A 317 18.00 -12.47 10.35
CA THR A 317 18.78 -13.65 10.00
C THR A 317 19.94 -13.30 9.10
N PHE A 318 19.68 -12.47 8.09
CA PHE A 318 20.75 -11.89 7.30
C PHE A 318 21.87 -11.38 8.19
N ALA A 319 21.49 -10.66 9.26
CA ALA A 319 22.48 -10.13 10.19
C ALA A 319 23.20 -11.26 10.90
N ASP A 320 22.45 -12.12 11.58
CA ASP A 320 23.03 -13.23 12.33
C ASP A 320 24.04 -14.01 11.52
N GLN A 321 23.90 -13.97 10.20
CA GLN A 321 24.90 -14.62 9.37
C GLN A 321 26.27 -13.95 9.52
N ILE A 322 26.31 -12.62 9.69
CA ILE A 322 27.50 -11.89 9.25
C ILE A 322 28.24 -11.11 10.33
N PHE A 323 27.64 -10.92 11.50
CA PHE A 323 28.10 -9.88 12.42
C PHE A 323 28.46 -10.48 13.78
N GLY A 324 28.66 -9.60 14.76
CA GLY A 324 28.82 -10.01 16.13
C GLY A 324 27.89 -9.21 17.02
N ILE A 325 27.27 -8.20 16.42
CA ILE A 325 26.31 -7.35 17.11
C ILE A 325 24.92 -7.94 16.93
N PHE A 326 24.48 -8.01 15.68
CA PHE A 326 23.27 -8.69 15.26
C PHE A 326 22.00 -7.96 15.68
N ASN A 327 22.13 -7.01 16.60
CA ASN A 327 20.91 -6.57 17.26
C ASN A 327 20.79 -5.07 17.26
N TRP A 328 21.88 -4.39 17.52
CA TRP A 328 21.80 -2.96 17.80
C TRP A 328 21.50 -2.16 16.56
N ILE A 329 21.18 -2.81 15.44
CA ILE A 329 20.86 -2.07 14.25
C ILE A 329 19.51 -2.52 13.70
N ILE A 330 19.43 -3.77 13.25
CA ILE A 330 18.36 -4.18 12.34
C ILE A 330 16.99 -4.12 13.01
N PRO A 331 16.75 -4.90 14.06
CA PRO A 331 15.37 -5.02 14.56
C PRO A 331 14.76 -3.69 14.93
N LEU A 332 15.45 -2.89 15.76
CA LEU A 332 14.86 -1.64 16.23
C LEU A 332 14.70 -0.63 15.09
N SER A 333 15.68 -0.56 14.19
CA SER A 333 15.57 0.34 13.07
C SER A 333 14.34 0.03 12.24
N VAL A 334 14.23 -1.21 11.79
CA VAL A 334 13.07 -1.56 11.00
C VAL A 334 11.80 -1.37 11.80
N ALA A 335 11.86 -1.60 13.11
CA ALA A 335 10.70 -1.33 13.94
C ALA A 335 10.25 0.10 13.79
N LEU A 336 11.17 1.04 13.96
CA LEU A 336 10.81 2.45 13.89
C LEU A 336 10.32 2.83 12.50
N SER A 337 10.88 2.20 11.47
CA SER A 337 10.48 2.59 10.13
C SER A 337 9.08 2.07 9.81
N CYS A 338 8.81 0.80 10.08
CA CYS A 338 7.43 0.33 10.00
C CYS A 338 6.51 1.21 10.81
N PHE A 339 6.99 1.64 11.97
CA PHE A 339 6.20 2.49 12.84
C PHE A 339 5.74 3.73 12.10
N GLY A 340 6.70 4.55 11.67
CA GLY A 340 6.36 5.80 11.02
C GLY A 340 5.54 5.61 9.76
N GLY A 341 5.88 4.59 8.97
CA GLY A 341 5.14 4.36 7.75
C GLY A 341 3.68 4.06 8.04
N LEU A 342 3.43 3.21 9.02
CA LEU A 342 2.06 2.97 9.44
C LEU A 342 1.41 4.27 9.87
N ASN A 343 2.12 5.06 10.66
CA ASN A 343 1.56 6.31 11.16
C ASN A 343 1.07 7.17 10.00
N ALA A 344 1.93 7.39 9.01
CA ALA A 344 1.53 8.19 7.87
C ALA A 344 0.36 7.55 7.14
N SER A 345 0.50 6.27 6.80
CA SER A 345 -0.54 5.56 6.06
C SER A 345 -1.90 5.75 6.69
N ILE A 346 -1.92 6.04 7.99
CA ILE A 346 -3.20 6.26 8.65
C ILE A 346 -3.95 7.43 8.03
N VAL A 347 -3.37 8.63 8.08
CA VAL A 347 -4.16 9.84 7.84
C VAL A 347 -4.84 9.82 6.48
N ALA A 348 -4.31 9.02 5.56
CA ALA A 348 -4.97 8.87 4.28
C ALA A 348 -6.42 8.46 4.45
N ALA A 349 -6.68 7.62 5.45
CA ALA A 349 -8.06 7.25 5.75
C ALA A 349 -8.90 8.49 6.00
N SER A 350 -8.41 9.40 6.83
CA SER A 350 -9.17 10.62 7.10
C SER A 350 -9.40 11.42 5.84
N ARG A 351 -8.38 11.51 5.00
CA ARG A 351 -8.53 12.24 3.74
C ARG A 351 -9.72 11.71 2.96
N LEU A 352 -9.70 10.41 2.67
CA LEU A 352 -10.74 9.85 1.81
C LEU A 352 -12.09 9.90 2.50
N PHE A 353 -12.10 9.73 3.81
CA PHE A 353 -13.33 9.93 4.56
C PHE A 353 -13.94 11.27 4.21
N PHE A 354 -13.18 12.34 4.40
CA PHE A 354 -13.74 13.66 4.21
C PHE A 354 -14.25 13.83 2.79
N VAL A 355 -13.41 13.48 1.80
CA VAL A 355 -13.83 13.73 0.43
C VAL A 355 -15.10 12.97 0.12
N GLY A 356 -15.15 11.68 0.47
CA GLY A 356 -16.33 10.90 0.19
C GLY A 356 -17.56 11.42 0.90
N SER A 357 -17.38 11.87 2.14
CA SER A 357 -18.51 12.43 2.88
C SER A 357 -19.04 13.66 2.17
N ARG A 358 -18.16 14.38 1.47
CA ARG A 358 -18.59 15.63 0.85
C ARG A 358 -19.73 15.45 -0.15
N GLU A 359 -20.12 14.22 -0.48
CA GLU A 359 -21.16 13.98 -1.48
C GLU A 359 -22.18 12.95 -1.03
N GLY A 360 -22.68 13.06 0.19
CA GLY A 360 -23.77 12.24 0.66
C GLY A 360 -23.36 10.84 1.07
N HIS A 361 -22.34 10.29 0.43
CA HIS A 361 -21.78 9.05 0.93
C HIS A 361 -21.28 9.25 2.35
N LEU A 362 -21.16 8.15 3.09
CA LEU A 362 -20.62 8.19 4.44
C LEU A 362 -21.43 9.14 5.28
N PRO A 363 -22.65 8.77 5.69
CA PRO A 363 -23.56 9.71 6.35
C PRO A 363 -22.87 10.67 7.31
N ASP A 364 -23.29 11.92 7.22
CA ASP A 364 -22.54 13.07 7.71
C ASP A 364 -22.17 12.98 9.19
N ALA A 365 -22.70 12.01 9.92
CA ALA A 365 -22.25 11.84 11.30
C ALA A 365 -20.75 11.63 11.35
N ILE A 366 -20.23 10.80 10.45
CA ILE A 366 -18.80 10.60 10.32
C ILE A 366 -18.20 11.92 9.86
N CYS A 367 -16.87 12.01 9.91
CA CYS A 367 -16.16 13.17 9.39
C CYS A 367 -16.50 14.42 10.19
N MET A 368 -16.18 14.38 11.48
CA MET A 368 -16.45 15.53 12.33
C MET A 368 -15.16 15.94 13.04
N ILE A 369 -14.76 17.20 12.85
CA ILE A 369 -13.55 17.69 13.49
C ILE A 369 -13.77 17.87 14.98
N HIS A 370 -12.77 17.54 15.79
CA HIS A 370 -12.96 17.63 17.22
C HIS A 370 -13.33 19.04 17.64
N VAL A 371 -14.29 19.17 18.55
CA VAL A 371 -14.75 20.48 18.97
C VAL A 371 -13.60 21.46 19.22
N GLU A 372 -12.49 20.97 19.76
CA GLU A 372 -11.36 21.85 20.05
C GLU A 372 -10.07 21.29 19.50
N ARG A 373 -9.98 19.97 19.41
CA ARG A 373 -8.78 19.35 18.86
C ARG A 373 -8.78 19.50 17.36
N PHE A 374 -9.94 19.85 16.79
CA PHE A 374 -10.03 20.00 15.34
C PHE A 374 -9.42 18.77 14.73
N THR A 375 -9.54 17.66 15.44
CA THR A 375 -9.01 16.39 14.96
C THR A 375 -10.14 15.55 14.41
N PRO A 376 -9.87 14.71 13.42
CA PRO A 376 -10.87 13.84 12.79
C PRO A 376 -11.02 12.52 13.54
N VAL A 377 -11.39 12.63 14.81
CA VAL A 377 -11.37 11.49 15.72
C VAL A 377 -12.14 10.30 15.14
N PRO A 378 -13.46 10.40 14.97
CA PRO A 378 -14.24 9.18 14.72
C PRO A 378 -13.77 8.43 13.50
N SER A 379 -13.31 9.14 12.48
CA SER A 379 -12.68 8.48 11.34
C SER A 379 -11.57 7.56 11.81
N LEU A 380 -10.60 8.11 12.52
CA LEU A 380 -9.50 7.31 13.00
C LEU A 380 -9.98 6.14 13.82
N LEU A 381 -10.92 6.40 14.72
CA LEU A 381 -11.46 5.34 15.55
C LEU A 381 -11.95 4.18 14.70
N PHE A 382 -12.86 4.47 13.79
CA PHE A 382 -13.46 3.40 13.00
C PHE A 382 -12.41 2.67 12.20
N ASN A 383 -11.51 3.41 11.55
CA ASN A 383 -10.52 2.74 10.73
C ASN A 383 -9.64 1.85 11.57
N GLY A 384 -9.26 2.32 12.74
CA GLY A 384 -8.41 1.52 13.60
C GLY A 384 -9.08 0.23 13.99
N ILE A 385 -10.36 0.30 14.37
CA ILE A 385 -11.05 -0.92 14.75
C ILE A 385 -11.12 -1.88 13.59
N MET A 386 -11.42 -1.36 12.40
CA MET A 386 -11.45 -2.20 11.21
C MET A 386 -10.11 -2.88 10.99
N ALA A 387 -9.05 -2.09 10.88
CA ALA A 387 -7.73 -2.64 10.62
C ALA A 387 -7.26 -3.58 11.72
N LEU A 388 -7.61 -3.26 12.96
CA LEU A 388 -7.15 -4.06 14.09
C LEU A 388 -7.56 -5.52 13.96
N ILE A 389 -8.80 -5.77 13.56
CA ILE A 389 -9.28 -7.14 13.42
C ILE A 389 -8.44 -7.88 12.38
N TYR A 390 -7.97 -7.17 11.37
CA TYR A 390 -7.17 -7.80 10.32
C TYR A 390 -5.86 -8.34 10.85
N LEU A 391 -5.30 -7.69 11.86
CA LEU A 391 -4.02 -8.11 12.42
C LEU A 391 -4.08 -9.57 12.86
N CYS A 392 -5.21 -9.98 13.43
CA CYS A 392 -5.35 -11.36 13.88
C CYS A 392 -5.63 -12.26 12.70
N VAL A 393 -4.59 -12.73 12.03
CA VAL A 393 -4.76 -13.59 10.87
C VAL A 393 -3.80 -14.77 10.89
N GLU A 394 -4.06 -15.77 10.07
CA GLU A 394 -3.14 -16.89 9.99
C GLU A 394 -1.81 -16.47 9.38
N ASP A 395 -1.85 -15.69 8.30
CA ASP A 395 -0.63 -15.25 7.63
C ASP A 395 -0.79 -13.99 6.77
N ILE A 396 0.27 -13.21 6.67
CA ILE A 396 0.22 -11.99 5.86
C ILE A 396 0.01 -12.29 4.39
N PHE A 397 0.78 -13.23 3.85
CA PHE A 397 0.68 -13.55 2.44
C PHE A 397 -0.77 -13.65 2.03
N GLN A 398 -1.58 -14.30 2.85
CA GLN A 398 -3.01 -14.37 2.56
C GLN A 398 -3.48 -12.96 2.34
N LEU A 399 -3.37 -12.14 3.39
CA LEU A 399 -3.77 -10.75 3.26
C LEU A 399 -3.14 -10.12 2.04
N ILE A 400 -1.90 -10.50 1.72
CA ILE A 400 -1.25 -9.83 0.60
C ILE A 400 -2.04 -10.06 -0.68
N ASN A 401 -2.30 -11.32 -1.00
CA ASN A 401 -3.10 -11.65 -2.16
C ASN A 401 -4.41 -10.90 -2.13
N TYR A 402 -5.07 -10.92 -0.98
CA TYR A 402 -6.40 -10.35 -0.90
C TYR A 402 -6.37 -8.87 -1.21
N TYR A 403 -5.54 -8.12 -0.48
CA TYR A 403 -5.39 -6.69 -0.73
C TYR A 403 -5.10 -6.43 -2.19
N SER A 404 -4.03 -7.06 -2.69
CA SER A 404 -3.54 -6.75 -4.02
C SER A 404 -4.62 -6.96 -5.06
N PHE A 405 -5.37 -8.06 -4.96
CA PHE A 405 -6.34 -8.37 -5.99
C PHE A 405 -7.30 -7.21 -6.21
N SER A 406 -8.01 -6.82 -5.16
CA SER A 406 -8.97 -5.75 -5.31
C SER A 406 -8.30 -4.44 -5.68
N TYR A 407 -7.10 -4.19 -5.15
CA TYR A 407 -6.42 -2.95 -5.50
C TYR A 407 -6.18 -2.88 -7.00
N TRP A 408 -5.79 -4.00 -7.59
CA TRP A 408 -5.48 -3.97 -9.01
C TRP A 408 -6.74 -3.89 -9.83
N PHE A 409 -7.82 -4.53 -9.39
CA PHE A 409 -9.11 -4.28 -10.03
C PHE A 409 -9.43 -2.80 -10.04
N PHE A 410 -9.21 -2.16 -8.89
CA PHE A 410 -9.41 -0.73 -8.79
C PHE A 410 -8.59 -0.03 -9.83
N VAL A 411 -7.30 -0.39 -9.89
CA VAL A 411 -6.42 0.22 -10.87
C VAL A 411 -7.03 0.13 -12.26
N GLY A 412 -7.29 -1.09 -12.71
CA GLY A 412 -7.87 -1.28 -14.02
C GLY A 412 -9.02 -0.32 -14.25
N LEU A 413 -9.94 -0.24 -13.29
CA LEU A 413 -11.07 0.67 -13.41
C LEU A 413 -10.59 2.06 -13.78
N SER A 414 -9.76 2.64 -12.93
CA SER A 414 -9.24 3.98 -13.20
C SER A 414 -8.72 4.07 -14.64
N ILE A 415 -7.90 3.11 -15.04
CA ILE A 415 -7.31 3.16 -16.38
C ILE A 415 -8.36 3.17 -17.50
N VAL A 416 -9.26 2.19 -17.50
CA VAL A 416 -10.21 2.10 -18.59
C VAL A 416 -11.11 3.33 -18.60
N GLY A 417 -11.44 3.86 -17.43
CA GLY A 417 -12.14 5.13 -17.39
C GLY A 417 -11.33 6.23 -18.04
N GLN A 418 -10.04 6.28 -17.74
CA GLN A 418 -9.16 7.24 -18.40
C GLN A 418 -9.34 7.17 -19.90
N LEU A 419 -9.25 5.96 -20.45
CA LEU A 419 -9.28 5.82 -21.89
C LEU A 419 -10.63 6.24 -22.46
N TYR A 420 -11.72 5.81 -21.82
CA TYR A 420 -13.04 6.18 -22.34
C TYR A 420 -13.24 7.68 -22.29
N LEU A 421 -12.73 8.33 -21.26
CA LEU A 421 -12.79 9.78 -21.22
C LEU A 421 -11.88 10.41 -22.26
N ARG A 422 -10.83 9.70 -22.67
CA ARG A 422 -10.03 10.16 -23.79
C ARG A 422 -10.82 10.13 -25.10
N TRP A 423 -11.26 8.93 -25.52
CA TRP A 423 -11.98 8.82 -26.78
C TRP A 423 -13.30 9.60 -26.73
N LYS A 424 -14.21 9.16 -25.89
CA LYS A 424 -15.44 9.92 -25.74
C LYS A 424 -15.21 11.04 -24.74
N GLU A 425 -15.87 12.16 -24.99
CA GLU A 425 -15.48 13.45 -24.43
C GLU A 425 -13.99 13.69 -24.69
N PRO A 426 -13.60 13.83 -25.94
CA PRO A 426 -12.24 14.30 -26.22
C PRO A 426 -12.20 15.81 -26.08
N ASP A 427 -11.10 16.42 -26.51
CA ASP A 427 -10.97 17.85 -26.66
C ASP A 427 -10.98 18.58 -25.33
N ARG A 428 -11.04 17.87 -24.21
CA ARG A 428 -10.98 18.53 -22.91
C ARG A 428 -9.66 19.28 -22.78
N PRO A 429 -9.64 20.42 -22.12
CA PRO A 429 -8.36 21.07 -21.87
C PRO A 429 -7.52 20.20 -20.97
N ARG A 430 -6.47 19.63 -21.53
CA ARG A 430 -5.67 18.65 -20.82
C ARG A 430 -4.23 19.09 -20.86
N PRO A 431 -3.64 19.42 -19.74
CA PRO A 431 -2.30 20.01 -19.74
C PRO A 431 -1.22 18.99 -20.06
N LEU A 432 -1.62 17.82 -20.53
CA LEU A 432 -0.65 16.79 -20.90
C LEU A 432 -1.20 15.97 -22.06
N LYS A 433 -0.29 15.51 -22.91
CA LYS A 433 -0.65 14.71 -24.08
C LYS A 433 0.32 13.54 -24.16
N LEU A 434 -0.21 12.32 -24.18
CA LEU A 434 0.64 11.15 -24.25
C LEU A 434 0.19 10.26 -25.40
N SER A 435 1.07 9.34 -25.77
CA SER A 435 0.71 8.33 -26.74
C SER A 435 -0.37 7.42 -26.18
N VAL A 436 -1.38 7.14 -26.99
CA VAL A 436 -2.50 6.33 -26.54
C VAL A 436 -2.06 4.88 -26.31
N PHE A 437 -0.97 4.48 -26.93
CA PHE A 437 -0.57 3.07 -26.86
C PHE A 437 -0.24 2.65 -25.44
N PHE A 438 0.78 3.26 -24.84
CA PHE A 438 1.33 2.73 -23.59
C PHE A 438 0.30 2.60 -22.46
N PRO A 439 -0.71 3.48 -22.34
CA PRO A 439 -1.73 3.22 -21.34
C PRO A 439 -2.59 2.03 -21.71
N ILE A 440 -2.80 1.82 -23.01
CA ILE A 440 -3.53 0.64 -23.45
C ILE A 440 -2.74 -0.59 -23.00
N VAL A 441 -1.44 -0.59 -23.27
CA VAL A 441 -0.57 -1.69 -22.87
C VAL A 441 -0.69 -1.89 -21.37
N PHE A 442 -0.78 -0.78 -20.64
CA PHE A 442 -0.85 -0.87 -19.19
C PHE A 442 -2.13 -1.55 -18.75
N CYS A 443 -3.26 -1.19 -19.37
CA CYS A 443 -4.51 -1.83 -18.97
C CYS A 443 -4.51 -3.29 -19.38
N LEU A 444 -3.78 -3.62 -20.44
CA LEU A 444 -3.64 -5.03 -20.81
C LEU A 444 -2.88 -5.82 -19.74
N CYS A 445 -1.73 -5.32 -19.34
CA CYS A 445 -1.01 -6.04 -18.30
C CYS A 445 -1.78 -6.04 -16.98
N THR A 446 -2.62 -5.04 -16.75
CA THR A 446 -3.53 -5.05 -15.62
C THR A 446 -4.53 -6.19 -15.68
N ILE A 447 -5.23 -6.30 -16.81
CA ILE A 447 -6.28 -7.30 -16.93
C ILE A 447 -5.62 -8.67 -16.84
N PHE A 448 -4.37 -8.76 -17.30
CA PHE A 448 -3.57 -9.96 -17.05
C PHE A 448 -3.48 -10.23 -15.55
N LEU A 449 -2.93 -9.28 -14.83
CA LEU A 449 -2.62 -9.47 -13.42
C LEU A 449 -3.86 -9.70 -12.59
N VAL A 450 -5.05 -9.38 -13.10
CA VAL A 450 -6.27 -9.72 -12.41
C VAL A 450 -6.90 -11.01 -12.93
N ALA A 451 -6.60 -11.41 -14.16
CA ALA A 451 -7.22 -12.60 -14.72
C ALA A 451 -6.53 -13.86 -14.22
N VAL A 452 -5.21 -13.89 -14.34
CA VAL A 452 -4.45 -15.09 -14.01
C VAL A 452 -4.68 -15.59 -12.58
N PRO A 453 -4.94 -14.74 -11.58
CA PRO A 453 -5.19 -15.29 -10.24
C PRO A 453 -6.61 -15.80 -10.05
N LEU A 454 -7.32 -16.07 -11.14
CA LEU A 454 -8.61 -16.74 -10.99
C LEU A 454 -8.44 -18.26 -10.97
N TYR A 455 -7.80 -18.81 -12.00
CA TYR A 455 -7.42 -20.23 -11.98
C TYR A 455 -6.83 -20.57 -10.63
N SER A 456 -5.72 -19.94 -10.31
CA SER A 456 -5.07 -20.10 -9.03
C SER A 456 -5.89 -19.34 -8.00
N ASP A 457 -6.44 -20.07 -7.03
CA ASP A 457 -7.24 -19.49 -5.96
C ASP A 457 -8.44 -18.74 -6.54
N THR A 458 -9.36 -19.53 -7.10
CA THR A 458 -10.67 -18.98 -7.38
C THR A 458 -11.32 -18.41 -6.12
N ILE A 459 -10.99 -18.95 -4.95
CA ILE A 459 -11.81 -18.75 -3.76
C ILE A 459 -11.66 -17.33 -3.23
N ASN A 460 -10.41 -16.87 -3.06
CA ASN A 460 -10.23 -15.57 -2.44
C ASN A 460 -10.72 -14.46 -3.35
N SER A 461 -10.44 -14.59 -4.65
CA SER A 461 -11.04 -13.68 -5.61
C SER A 461 -12.55 -13.69 -5.48
N LEU A 462 -13.14 -14.89 -5.34
CA LEU A 462 -14.58 -14.99 -5.23
C LEU A 462 -15.10 -14.21 -4.03
N ILE A 463 -14.47 -14.41 -2.87
CA ILE A 463 -15.00 -13.78 -1.67
C ILE A 463 -14.72 -12.28 -1.67
N GLY A 464 -13.65 -11.85 -2.32
CA GLY A 464 -13.46 -10.43 -2.54
C GLY A 464 -14.61 -9.84 -3.32
N ILE A 465 -14.96 -10.48 -4.44
CA ILE A 465 -16.13 -10.02 -5.18
C ILE A 465 -17.36 -10.12 -4.32
N ALA A 466 -17.39 -11.07 -3.39
CA ALA A 466 -18.55 -11.24 -2.54
C ALA A 466 -18.77 -10.04 -1.65
N ILE A 467 -17.72 -9.61 -0.95
CA ILE A 467 -17.86 -8.42 -0.12
C ILE A 467 -18.14 -7.20 -0.98
N ALA A 468 -17.50 -7.13 -2.15
CA ALA A 468 -17.80 -6.07 -3.09
C ALA A 468 -19.29 -5.96 -3.31
N LEU A 469 -19.89 -7.03 -3.84
CA LEU A 469 -21.31 -7.00 -4.15
C LEU A 469 -22.15 -6.76 -2.90
N SER A 470 -21.72 -7.29 -1.76
CA SER A 470 -22.40 -6.98 -0.51
C SER A 470 -22.48 -5.50 -0.27
N GLY A 471 -21.51 -4.74 -0.78
CA GLY A 471 -21.59 -3.30 -0.69
C GLY A 471 -22.89 -2.72 -1.21
N LEU A 472 -23.45 -3.32 -2.26
CA LEU A 472 -24.48 -2.72 -3.09
C LEU A 472 -25.87 -2.66 -2.47
N PRO A 473 -26.34 -3.70 -1.78
CA PRO A 473 -27.67 -3.60 -1.17
C PRO A 473 -27.83 -2.35 -0.33
N PHE A 474 -26.83 -2.05 0.50
CA PHE A 474 -26.88 -0.82 1.27
C PHE A 474 -26.93 0.39 0.35
N TYR A 475 -26.13 0.38 -0.70
CA TYR A 475 -26.15 1.48 -1.66
C TYR A 475 -27.57 1.79 -2.09
N PHE A 476 -28.23 0.81 -2.68
CA PHE A 476 -29.59 1.06 -3.13
C PHE A 476 -30.57 1.23 -1.99
N LEU A 477 -30.17 0.87 -0.78
CA LEU A 477 -30.99 1.21 0.38
C LEU A 477 -30.92 2.70 0.69
N ILE A 478 -29.80 3.34 0.35
CA ILE A 478 -29.61 4.73 0.77
C ILE A 478 -29.54 5.66 -0.43
N ILE A 479 -28.92 5.22 -1.53
CA ILE A 479 -28.46 6.11 -2.60
C ILE A 479 -29.48 7.17 -2.96
N ARG A 480 -30.72 6.77 -3.20
CA ARG A 480 -31.77 7.73 -3.44
C ARG A 480 -32.71 7.66 -2.25
N VAL A 481 -32.20 8.01 -1.07
CA VAL A 481 -33.00 7.89 0.15
C VAL A 481 -34.38 8.55 0.01
N PRO A 482 -35.44 7.79 0.33
CA PRO A 482 -36.79 8.34 0.27
C PRO A 482 -37.12 9.17 1.50
N GLU A 483 -36.29 9.06 2.53
CA GLU A 483 -36.53 9.81 3.76
C GLU A 483 -37.94 9.55 4.25
N HIS A 484 -38.39 8.30 4.17
CA HIS A 484 -39.75 7.98 4.56
C HIS A 484 -39.84 6.60 5.22
N LYS A 485 -40.95 6.35 5.90
CA LYS A 485 -41.16 5.03 6.52
C LYS A 485 -40.08 4.64 7.50
N ARG A 486 -39.84 3.34 7.63
CA ARG A 486 -38.83 2.87 8.56
C ARG A 486 -37.45 3.47 8.28
N PRO A 487 -37.07 3.55 7.00
CA PRO A 487 -35.79 4.22 6.74
C PRO A 487 -35.77 5.56 7.44
N LEU A 488 -36.82 6.35 7.27
CA LEU A 488 -36.90 7.65 7.94
C LEU A 488 -36.91 7.45 9.45
N TYR A 489 -37.60 6.43 9.92
CA TYR A 489 -37.62 6.16 11.35
C TYR A 489 -36.21 5.93 11.84
N LEU A 490 -35.46 5.08 11.13
CA LEU A 490 -34.08 4.82 11.51
C LEU A 490 -33.25 6.08 11.41
N ARG A 491 -33.50 6.86 10.37
CA ARG A 491 -32.74 8.08 10.17
C ARG A 491 -32.86 9.01 11.38
N ARG A 492 -34.07 9.14 11.91
CA ARG A 492 -34.26 9.96 13.10
C ARG A 492 -33.40 9.39 14.23
N ILE A 493 -33.40 8.07 14.37
CA ILE A 493 -32.57 7.43 15.38
C ILE A 493 -31.10 7.69 15.09
N VAL A 494 -30.70 7.49 13.83
CA VAL A 494 -29.36 7.85 13.40
C VAL A 494 -29.01 9.24 13.93
N GLY A 495 -29.85 10.21 13.65
CA GLY A 495 -29.69 11.54 14.19
C GLY A 495 -29.41 11.48 15.67
N SER A 496 -30.35 10.95 16.45
CA SER A 496 -30.11 10.78 17.87
C SER A 496 -28.82 9.99 18.10
N ALA A 497 -28.68 8.86 17.41
CA ALA A 497 -27.43 8.13 17.45
C ALA A 497 -26.26 9.05 17.15
N THR A 498 -26.34 9.76 16.02
CA THR A 498 -25.40 10.84 15.76
C THR A 498 -25.26 11.72 16.99
N ARG A 499 -26.36 12.35 17.41
CA ARG A 499 -26.37 13.12 18.64
C ARG A 499 -25.65 12.36 19.74
N TYR A 500 -26.03 11.11 19.95
CA TYR A 500 -25.35 10.26 20.92
C TYR A 500 -23.85 10.33 20.71
N LEU A 501 -23.38 9.82 19.57
CA LEU A 501 -21.94 9.82 19.33
C LEU A 501 -21.40 11.24 19.37
N GLN A 502 -22.23 12.21 18.97
CA GLN A 502 -21.82 13.60 19.07
C GLN A 502 -21.28 13.89 20.46
N VAL A 503 -22.13 13.75 21.48
CA VAL A 503 -21.66 14.08 22.81
C VAL A 503 -20.52 13.16 23.18
N LEU A 504 -20.53 11.94 22.66
CA LEU A 504 -19.44 11.02 22.95
C LEU A 504 -18.17 11.48 22.25
N CYS A 505 -18.28 11.91 21.00
CA CYS A 505 -17.07 12.18 20.25
C CYS A 505 -16.39 13.47 20.67
N MET A 506 -17.08 14.31 21.44
CA MET A 506 -16.57 15.64 21.75
C MET A 506 -16.15 16.37 20.49
N SER A 507 -16.91 16.17 19.41
CA SER A 507 -16.55 16.68 18.09
C SER A 507 -17.80 17.06 17.30
N VAL A 508 -17.62 17.96 16.34
CA VAL A 508 -18.68 18.38 15.45
C VAL A 508 -18.10 18.50 14.05
N ALA A 509 -19.00 18.68 13.07
CA ALA A 509 -18.60 18.80 11.68
C ALA A 509 -17.86 20.12 11.45
N ALA A 510 -17.39 20.29 10.22
CA ALA A 510 -16.63 21.47 9.84
C ALA A 510 -17.55 22.64 9.53
#